data_3WOY
#
_entry.id   3WOY
#
_cell.length_a   58.812
_cell.length_b   58.812
_cell.length_c   157.073
_cell.angle_alpha   90.00
_cell.angle_beta   90.00
_cell.angle_gamma   120.00
#
_symmetry.space_group_name_H-M   'P 32 2 1'
#
loop_
_entity.id
_entity.type
_entity.pdbx_description
1 polymer 'CLIP-associating protein 2'
2 water water
#
_entity_poly.entity_id   1
_entity_poly.type   'polypeptide(L)'
_entity_poly.pdbx_seq_one_letter_code
;GGAGAVDEDDFIKAFTDVPSIQIYSSRELEETLNKIREILSDDKHDWDQRANALKKIRSLLVAGAAQYDCFFQHLRLLDG
ALKLSAKDLRSQVVREACITVAHLSTVLGNKFDHGAEAIVPTLFNLVPNSAKVMATSGCAAIRFIIRHTHVPRLIPLITS
NCTSKSVPVRRRSFEFLDLLLQEWQTHSLERHAAVLVETIKKGIHDADAEARVEARKTYMGLRNHFPGEAETLYNSLEPS
YQKSLQTYLKS
;
_entity_poly.pdbx_strand_id   A
#
# COMPACT_ATOMS: atom_id res chain seq x y z
N GLY A 4 14.14 -3.21 2.45
CA GLY A 4 12.82 -2.70 2.94
C GLY A 4 12.85 -1.19 3.14
N ALA A 5 13.65 -0.75 4.11
CA ALA A 5 13.78 0.67 4.39
C ALA A 5 14.46 1.28 3.18
N VAL A 6 15.37 0.50 2.58
CA VAL A 6 16.10 0.93 1.40
C VAL A 6 15.13 1.10 0.24
N ASP A 7 14.16 0.21 0.15
CA ASP A 7 13.18 0.27 -0.94
C ASP A 7 12.33 1.53 -0.81
N GLU A 8 11.88 1.84 0.41
CA GLU A 8 11.08 3.04 0.61
C GLU A 8 11.90 4.30 0.37
N ASP A 9 13.19 4.28 0.65
CA ASP A 9 14.06 5.43 0.40
C ASP A 9 14.26 5.66 -1.08
N ASP A 10 14.34 4.57 -1.84
CA ASP A 10 14.52 4.68 -3.28
C ASP A 10 13.24 5.22 -3.87
N PHE A 11 12.12 4.77 -3.31
CA PHE A 11 10.79 5.22 -3.75
C PHE A 11 10.68 6.72 -3.57
N ILE A 12 10.94 7.17 -2.34
CA ILE A 12 10.87 8.58 -2.02
C ILE A 12 11.72 9.41 -2.98
N LYS A 13 12.93 8.94 -3.27
CA LYS A 13 13.81 9.65 -4.19
C LYS A 13 13.23 9.66 -5.60
N ALA A 14 12.65 8.54 -6.02
CA ALA A 14 12.06 8.45 -7.35
C ALA A 14 10.83 9.34 -7.48
N PHE A 15 10.20 9.70 -6.35
CA PHE A 15 9.02 10.56 -6.38
C PHE A 15 9.31 11.86 -7.13
N THR A 16 10.43 12.48 -6.78
CA THR A 16 10.81 13.76 -7.36
C THR A 16 11.86 13.70 -8.47
N ASP A 17 12.41 12.53 -8.73
CA ASP A 17 13.41 12.36 -9.78
C ASP A 17 12.69 12.16 -11.11
N VAL A 18 11.96 13.19 -11.51
CA VAL A 18 11.19 13.19 -12.75
C VAL A 18 11.25 14.60 -13.34
N PRO A 19 10.91 14.74 -14.63
CA PRO A 19 10.97 16.05 -15.29
C PRO A 19 10.23 17.18 -14.59
N SER A 20 10.84 18.35 -14.57
CA SER A 20 10.23 19.52 -13.95
C SER A 20 9.17 20.03 -14.92
N ILE A 21 8.03 20.45 -14.40
CA ILE A 21 6.96 20.95 -15.27
C ILE A 21 6.14 22.02 -14.57
N GLN A 22 5.35 22.76 -15.35
CA GLN A 22 4.49 23.80 -14.80
C GLN A 22 3.08 23.64 -15.34
N ILE A 23 2.09 23.99 -14.52
CA ILE A 23 0.70 23.91 -14.91
C ILE A 23 0.29 25.35 -15.21
N TYR A 24 -0.33 25.57 -16.36
CA TYR A 24 -0.70 26.93 -16.74
C TYR A 24 -2.17 27.29 -16.56
N SER A 25 -3.01 26.28 -16.37
CA SER A 25 -4.43 26.51 -16.15
C SER A 25 -5.14 25.23 -15.74
N SER A 26 -6.34 25.35 -15.19
CA SER A 26 -7.17 24.19 -14.90
C SER A 26 -7.42 23.39 -16.17
N ARG A 27 -7.80 24.09 -17.25
CA ARG A 27 -8.07 23.45 -18.54
C ARG A 27 -6.85 22.76 -19.12
N GLU A 28 -5.70 23.44 -19.04
CA GLU A 28 -4.45 22.91 -19.54
C GLU A 28 -4.09 21.64 -18.75
N LEU A 29 -4.34 21.67 -17.45
CA LEU A 29 -4.07 20.52 -16.58
C LEU A 29 -4.92 19.34 -17.05
N GLU A 30 -6.18 19.62 -17.35
CA GLU A 30 -7.08 18.57 -17.81
C GLU A 30 -6.61 17.99 -19.13
N GLU A 31 -6.12 18.87 -20.02
CA GLU A 31 -5.63 18.41 -21.32
C GLU A 31 -4.47 17.45 -21.09
N THR A 32 -3.55 17.86 -20.22
CA THR A 32 -2.37 17.06 -19.90
C THR A 32 -2.78 15.69 -19.31
N LEU A 33 -3.69 15.71 -18.36
CA LEU A 33 -4.16 14.48 -17.72
C LEU A 33 -4.90 13.58 -18.70
N ASN A 34 -5.67 14.16 -19.62
CA ASN A 34 -6.38 13.37 -20.62
C ASN A 34 -5.40 12.63 -21.51
N LYS A 35 -4.35 13.33 -21.92
CA LYS A 35 -3.33 12.75 -22.78
C LYS A 35 -2.63 11.61 -22.02
N ILE A 36 -2.29 11.86 -20.77
CA ILE A 36 -1.64 10.84 -19.95
C ILE A 36 -2.51 9.59 -19.86
N ARG A 37 -3.81 9.80 -19.71
CA ARG A 37 -4.74 8.68 -19.60
C ARG A 37 -4.80 7.91 -20.92
N GLU A 38 -4.78 8.62 -22.04
CA GLU A 38 -4.81 7.98 -23.33
C GLU A 38 -3.60 7.07 -23.51
N ILE A 39 -2.42 7.59 -23.16
CA ILE A 39 -1.17 6.84 -23.28
C ILE A 39 -1.19 5.56 -22.44
N LEU A 40 -1.60 5.67 -21.18
CA LEU A 40 -1.61 4.52 -20.28
C LEU A 40 -2.72 3.50 -20.51
N SER A 41 -3.84 3.92 -21.08
CA SER A 41 -4.96 3.03 -21.31
C SER A 41 -4.75 1.96 -22.39
N ASP A 42 -3.75 2.14 -23.25
CA ASP A 42 -3.47 1.15 -24.29
C ASP A 42 -2.14 0.49 -23.98
N ASP A 43 -2.18 -0.72 -23.43
CA ASP A 43 -0.96 -1.45 -23.07
C ASP A 43 -0.07 -1.81 -24.26
N LYS A 44 -0.49 -1.42 -25.46
CA LYS A 44 0.27 -1.71 -26.67
C LYS A 44 1.20 -0.54 -26.98
N HIS A 45 0.96 0.61 -26.34
CA HIS A 45 1.81 1.78 -26.54
C HIS A 45 3.21 1.45 -26.03
N ASP A 46 4.23 1.96 -26.71
CA ASP A 46 5.62 1.71 -26.33
C ASP A 46 5.74 1.80 -24.81
N TRP A 47 6.24 0.74 -24.18
CA TRP A 47 6.33 0.70 -22.72
C TRP A 47 7.07 1.86 -22.06
N ASP A 48 8.12 2.35 -22.70
CA ASP A 48 8.87 3.46 -22.11
C ASP A 48 8.02 4.73 -22.15
N GLN A 49 7.19 4.87 -23.18
CA GLN A 49 6.33 6.04 -23.28
C GLN A 49 5.29 5.98 -22.18
N ARG A 50 4.83 4.76 -21.87
CA ARG A 50 3.86 4.61 -20.80
C ARG A 50 4.56 4.92 -19.47
N ALA A 51 5.81 4.51 -19.33
CA ALA A 51 6.56 4.79 -18.11
C ALA A 51 6.66 6.32 -17.94
N ASN A 52 6.95 7.02 -19.02
CA ASN A 52 7.06 8.48 -18.98
C ASN A 52 5.76 9.13 -18.54
N ALA A 53 4.64 8.55 -18.99
CA ALA A 53 3.34 9.07 -18.64
C ALA A 53 3.13 8.92 -17.13
N LEU A 54 3.59 7.81 -16.55
CA LEU A 54 3.45 7.58 -15.11
C LEU A 54 4.30 8.58 -14.34
N LYS A 55 5.50 8.85 -14.83
CA LYS A 55 6.40 9.82 -14.19
C LYS A 55 5.82 11.23 -14.28
N LYS A 56 5.12 11.48 -15.37
CA LYS A 56 4.51 12.79 -15.61
C LYS A 56 3.51 13.09 -14.50
N ILE A 57 2.78 12.08 -14.06
CA ILE A 57 1.83 12.29 -12.98
C ILE A 57 2.59 12.81 -11.77
N ARG A 58 3.77 12.25 -11.51
CA ARG A 58 4.58 12.70 -10.40
C ARG A 58 5.07 14.12 -10.67
N SER A 59 5.43 14.41 -11.92
CA SER A 59 5.87 15.76 -12.26
C SER A 59 4.75 16.75 -11.93
N LEU A 60 3.52 16.37 -12.26
CA LEU A 60 2.37 17.22 -11.99
C LEU A 60 2.15 17.43 -10.49
N LEU A 61 2.38 16.37 -9.72
CA LEU A 61 2.22 16.46 -8.27
C LEU A 61 3.24 17.48 -7.74
N VAL A 62 4.49 17.32 -8.16
CA VAL A 62 5.55 18.23 -7.73
C VAL A 62 5.19 19.68 -8.13
N ALA A 63 4.51 19.83 -9.25
CA ALA A 63 4.13 21.15 -9.77
C ALA A 63 2.89 21.77 -9.09
N GLY A 64 2.25 21.06 -8.17
CA GLY A 64 1.09 21.60 -7.49
C GLY A 64 -0.27 21.23 -8.04
N ALA A 65 -0.36 20.12 -8.78
CA ALA A 65 -1.63 19.70 -9.35
C ALA A 65 -2.71 19.50 -8.27
N ALA A 66 -2.31 19.08 -7.07
CA ALA A 66 -3.26 18.83 -6.00
C ALA A 66 -4.02 20.10 -5.57
N GLN A 67 -3.58 21.25 -6.07
CA GLN A 67 -4.25 22.50 -5.74
C GLN A 67 -5.43 22.79 -6.66
N TYR A 68 -5.59 21.96 -7.69
CA TYR A 68 -6.67 22.13 -8.65
C TYR A 68 -7.76 21.09 -8.39
N ASP A 69 -9.02 21.54 -8.36
CA ASP A 69 -10.12 20.62 -8.13
C ASP A 69 -10.28 19.61 -9.25
N CYS A 70 -9.96 20.02 -10.48
CA CYS A 70 -10.08 19.13 -11.62
C CYS A 70 -9.13 17.95 -11.51
N PHE A 71 -8.02 18.14 -10.79
CA PHE A 71 -7.04 17.07 -10.61
C PHE A 71 -7.68 15.84 -9.96
N PHE A 72 -8.47 16.07 -8.92
CA PHE A 72 -9.12 14.97 -8.23
C PHE A 72 -10.17 14.31 -9.09
N GLN A 73 -10.78 15.09 -9.98
CA GLN A 73 -11.78 14.54 -10.88
C GLN A 73 -11.06 13.56 -11.80
N HIS A 74 -9.90 13.99 -12.31
CA HIS A 74 -9.10 13.17 -13.21
C HIS A 74 -8.41 12.01 -12.50
N LEU A 75 -8.22 12.15 -11.20
CA LEU A 75 -7.58 11.11 -10.42
C LEU A 75 -8.37 9.83 -10.56
N ARG A 76 -9.69 9.94 -10.40
CA ARG A 76 -10.54 8.77 -10.52
C ARG A 76 -10.59 8.25 -11.95
N LEU A 77 -10.51 9.16 -12.92
CA LEU A 77 -10.54 8.78 -14.32
C LEU A 77 -9.32 7.93 -14.66
N LEU A 78 -8.25 8.12 -13.89
CA LEU A 78 -7.00 7.41 -14.09
C LEU A 78 -6.87 6.04 -13.41
N ASP A 79 -7.80 5.71 -12.51
CA ASP A 79 -7.71 4.43 -11.82
C ASP A 79 -7.58 3.21 -12.74
N GLY A 80 -8.32 3.21 -13.84
CA GLY A 80 -8.23 2.10 -14.77
C GLY A 80 -6.84 2.01 -15.39
N ALA A 81 -6.28 3.18 -15.72
CA ALA A 81 -4.95 3.24 -16.33
C ALA A 81 -3.85 2.82 -15.33
N LEU A 82 -4.01 3.20 -14.07
CA LEU A 82 -3.02 2.85 -13.05
C LEU A 82 -3.03 1.35 -12.77
N LYS A 83 -4.23 0.78 -12.70
CA LYS A 83 -4.39 -0.64 -12.47
C LYS A 83 -3.76 -1.44 -13.63
N LEU A 84 -4.04 -1.01 -14.85
CA LEU A 84 -3.48 -1.67 -16.03
C LEU A 84 -1.95 -1.59 -16.03
N SER A 85 -1.42 -0.46 -15.59
CA SER A 85 0.03 -0.27 -15.56
C SER A 85 0.67 -1.19 -14.53
N ALA A 86 0.01 -1.33 -13.38
CA ALA A 86 0.51 -2.18 -12.30
C ALA A 86 0.34 -3.66 -12.62
N LYS A 87 -0.33 -3.94 -13.73
CA LYS A 87 -0.57 -5.32 -14.16
C LYS A 87 0.33 -5.68 -15.34
N ASP A 88 1.21 -4.76 -15.72
CA ASP A 88 2.09 -5.00 -16.85
C ASP A 88 3.04 -6.17 -16.58
N LEU A 89 3.47 -6.83 -17.64
CA LEU A 89 4.39 -7.96 -17.49
C LEU A 89 5.83 -7.49 -17.39
N ARG A 90 6.06 -6.21 -17.67
CA ARG A 90 7.42 -5.65 -17.60
C ARG A 90 7.67 -5.07 -16.22
N SER A 91 8.65 -5.63 -15.50
CA SER A 91 8.95 -5.17 -14.15
C SER A 91 9.17 -3.66 -14.02
N GLN A 92 9.89 -3.06 -14.96
CA GLN A 92 10.13 -1.63 -14.86
C GLN A 92 8.86 -0.79 -14.98
N VAL A 93 7.86 -1.27 -15.73
CA VAL A 93 6.61 -0.54 -15.88
C VAL A 93 5.85 -0.65 -14.56
N VAL A 94 5.82 -1.85 -14.00
CA VAL A 94 5.14 -2.09 -12.74
C VAL A 94 5.77 -1.23 -11.65
N ARG A 95 7.10 -1.16 -11.64
CA ARG A 95 7.79 -0.34 -10.64
C ARG A 95 7.37 1.13 -10.71
N GLU A 96 7.42 1.71 -11.91
CA GLU A 96 7.03 3.12 -12.08
C GLU A 96 5.60 3.33 -11.63
N ALA A 97 4.74 2.36 -11.92
CA ALA A 97 3.34 2.45 -11.53
C ALA A 97 3.20 2.48 -10.00
N CYS A 98 3.93 1.59 -9.32
CA CYS A 98 3.88 1.52 -7.86
C CYS A 98 4.46 2.77 -7.22
N ILE A 99 5.51 3.31 -7.83
CA ILE A 99 6.13 4.52 -7.31
C ILE A 99 5.13 5.69 -7.44
N THR A 100 4.45 5.76 -8.57
CA THR A 100 3.48 6.82 -8.82
C THR A 100 2.30 6.70 -7.86
N VAL A 101 1.86 5.47 -7.63
CA VAL A 101 0.76 5.22 -6.72
C VAL A 101 1.17 5.62 -5.30
N ALA A 102 2.41 5.33 -4.94
CA ALA A 102 2.89 5.67 -3.61
C ALA A 102 2.99 7.18 -3.46
N HIS A 103 3.44 7.87 -4.51
CA HIS A 103 3.59 9.31 -4.49
C HIS A 103 2.22 9.98 -4.33
N LEU A 104 1.22 9.49 -5.08
CA LEU A 104 -0.12 10.02 -4.98
C LEU A 104 -0.65 9.93 -3.55
N SER A 105 -0.45 8.77 -2.94
CA SER A 105 -0.92 8.54 -1.57
C SER A 105 -0.20 9.48 -0.60
N THR A 106 1.11 9.61 -0.79
CA THR A 106 1.94 10.45 0.08
C THR A 106 1.52 11.92 0.01
N VAL A 107 1.28 12.42 -1.20
CA VAL A 107 0.88 13.81 -1.36
C VAL A 107 -0.58 14.06 -1.01
N LEU A 108 -1.48 13.21 -1.50
CA LEU A 108 -2.92 13.40 -1.27
C LEU A 108 -3.50 12.90 0.05
N GLY A 109 -2.82 11.97 0.72
CA GLY A 109 -3.36 11.46 1.97
C GLY A 109 -4.74 10.88 1.80
N ASN A 110 -5.68 11.30 2.66
CA ASN A 110 -7.03 10.77 2.58
C ASN A 110 -7.78 11.13 1.30
N LYS A 111 -7.28 12.10 0.54
CA LYS A 111 -7.93 12.46 -0.72
C LYS A 111 -7.68 11.39 -1.78
N PHE A 112 -6.86 10.40 -1.43
CA PHE A 112 -6.57 9.30 -2.34
C PHE A 112 -7.30 8.03 -1.89
N ASP A 113 -8.29 8.20 -1.01
CA ASP A 113 -9.06 7.06 -0.49
C ASP A 113 -9.62 6.16 -1.59
N HIS A 114 -10.31 6.75 -2.57
CA HIS A 114 -10.87 5.98 -3.68
C HIS A 114 -9.77 5.27 -4.45
N GLY A 115 -8.73 6.01 -4.80
CA GLY A 115 -7.62 5.43 -5.54
C GLY A 115 -6.98 4.25 -4.82
N ALA A 116 -6.79 4.39 -3.51
CA ALA A 116 -6.20 3.32 -2.72
C ALA A 116 -7.05 2.07 -2.80
N GLU A 117 -8.34 2.19 -2.49
CA GLU A 117 -9.23 1.03 -2.55
C GLU A 117 -9.17 0.39 -3.92
N ALA A 118 -9.20 1.21 -4.96
CA ALA A 118 -9.16 0.69 -6.32
C ALA A 118 -7.88 -0.02 -6.69
N ILE A 119 -6.74 0.45 -6.19
CA ILE A 119 -5.47 -0.15 -6.56
C ILE A 119 -4.88 -1.22 -5.65
N VAL A 120 -5.18 -1.17 -4.35
CA VAL A 120 -4.60 -2.13 -3.42
C VAL A 120 -4.73 -3.63 -3.78
N PRO A 121 -5.90 -4.07 -4.25
CA PRO A 121 -5.98 -5.50 -4.59
C PRO A 121 -4.98 -5.85 -5.68
N THR A 122 -4.78 -4.94 -6.63
CA THR A 122 -3.82 -5.18 -7.69
C THR A 122 -2.41 -5.24 -7.09
N LEU A 123 -2.12 -4.33 -6.17
CA LEU A 123 -0.79 -4.33 -5.54
C LEU A 123 -0.53 -5.63 -4.77
N PHE A 124 -1.56 -6.17 -4.12
CA PHE A 124 -1.39 -7.41 -3.38
C PHE A 124 -1.05 -8.57 -4.32
N ASN A 125 -1.51 -8.49 -5.56
CA ASN A 125 -1.22 -9.55 -6.53
C ASN A 125 0.25 -9.57 -6.89
N LEU A 126 0.95 -8.47 -6.62
CA LEU A 126 2.37 -8.37 -6.92
C LEU A 126 3.22 -9.00 -5.82
N VAL A 127 2.70 -9.00 -4.59
CA VAL A 127 3.46 -9.52 -3.47
C VAL A 127 4.10 -10.91 -3.68
N PRO A 128 3.32 -11.89 -4.17
CA PRO A 128 3.92 -13.22 -4.38
C PRO A 128 4.66 -13.38 -5.72
N ASN A 129 4.73 -12.32 -6.52
CA ASN A 129 5.41 -12.40 -7.82
C ASN A 129 6.88 -12.82 -7.66
N SER A 130 7.35 -13.72 -8.52
CA SER A 130 8.73 -14.19 -8.43
C SER A 130 9.76 -13.11 -8.76
N ALA A 131 9.38 -12.14 -9.58
CA ALA A 131 10.32 -11.07 -9.92
C ALA A 131 10.41 -10.15 -8.72
N LYS A 132 11.60 -10.07 -8.11
CA LYS A 132 11.81 -9.23 -6.94
C LYS A 132 11.43 -7.77 -7.19
N VAL A 133 11.74 -7.26 -8.39
CA VAL A 133 11.41 -5.88 -8.71
C VAL A 133 9.90 -5.62 -8.56
N MET A 134 9.08 -6.55 -9.04
CA MET A 134 7.64 -6.38 -8.93
C MET A 134 7.13 -6.55 -7.50
N ALA A 135 7.57 -7.60 -6.82
CA ALA A 135 7.15 -7.88 -5.45
C ALA A 135 7.48 -6.75 -4.48
N THR A 136 8.74 -6.32 -4.47
CA THR A 136 9.17 -5.24 -3.58
C THR A 136 8.46 -3.93 -3.90
N SER A 137 8.20 -3.65 -5.17
CA SER A 137 7.52 -2.43 -5.55
C SER A 137 6.08 -2.46 -5.05
N GLY A 138 5.44 -3.61 -5.17
CA GLY A 138 4.07 -3.73 -4.69
C GLY A 138 4.02 -3.55 -3.18
N CYS A 139 4.91 -4.23 -2.47
CA CYS A 139 4.97 -4.13 -1.01
C CYS A 139 5.22 -2.70 -0.56
N ALA A 140 6.16 -2.01 -1.20
CA ALA A 140 6.45 -0.65 -0.82
C ALA A 140 5.23 0.25 -1.06
N ALA A 141 4.60 0.12 -2.22
CA ALA A 141 3.43 0.93 -2.54
C ALA A 141 2.33 0.72 -1.49
N ILE A 142 2.14 -0.52 -1.05
CA ILE A 142 1.14 -0.81 -0.04
C ILE A 142 1.50 -0.13 1.29
N ARG A 143 2.78 -0.18 1.66
CA ARG A 143 3.23 0.42 2.90
C ARG A 143 3.05 1.95 2.88
N PHE A 144 3.28 2.57 1.73
CA PHE A 144 3.11 4.01 1.62
C PHE A 144 1.62 4.34 1.76
N ILE A 145 0.77 3.51 1.18
CA ILE A 145 -0.67 3.74 1.27
C ILE A 145 -1.15 3.59 2.72
N ILE A 146 -0.70 2.54 3.39
CA ILE A 146 -1.09 2.28 4.77
C ILE A 146 -0.75 3.47 5.67
N ARG A 147 0.41 4.07 5.43
CA ARG A 147 0.83 5.20 6.24
C ARG A 147 0.11 6.52 5.93
N HIS A 148 -0.26 6.75 4.67
CA HIS A 148 -0.88 8.01 4.26
C HIS A 148 -2.37 8.05 3.91
N THR A 149 -2.93 6.91 3.51
CA THR A 149 -4.34 6.89 3.15
C THR A 149 -5.04 5.81 3.99
N HIS A 150 -5.58 6.23 5.13
CA HIS A 150 -6.23 5.31 6.07
C HIS A 150 -7.67 4.94 5.70
N VAL A 151 -7.83 3.97 4.81
CA VAL A 151 -9.16 3.53 4.40
C VAL A 151 -9.52 2.25 5.15
N PRO A 152 -10.46 2.33 6.12
CA PRO A 152 -10.86 1.15 6.89
C PRO A 152 -11.17 -0.09 6.04
N ARG A 153 -11.66 0.12 4.82
CA ARG A 153 -11.96 -1.00 3.96
C ARG A 153 -10.72 -1.78 3.55
N LEU A 154 -9.54 -1.22 3.80
CA LEU A 154 -8.29 -1.88 3.46
C LEU A 154 -7.93 -2.99 4.47
N ILE A 155 -8.50 -2.92 5.65
CA ILE A 155 -8.22 -3.90 6.69
C ILE A 155 -8.59 -5.34 6.30
N PRO A 156 -9.82 -5.55 5.80
CA PRO A 156 -10.23 -6.91 5.41
C PRO A 156 -9.28 -7.48 4.36
N LEU A 157 -8.83 -6.63 3.44
CA LEU A 157 -7.90 -7.07 2.41
C LEU A 157 -6.62 -7.57 3.04
N ILE A 158 -6.10 -6.81 4.00
CA ILE A 158 -4.86 -7.20 4.68
C ILE A 158 -5.04 -8.46 5.53
N THR A 159 -6.07 -8.47 6.39
CA THR A 159 -6.29 -9.64 7.24
C THR A 159 -6.58 -10.88 6.40
N SER A 160 -7.26 -10.67 5.28
CA SER A 160 -7.58 -11.77 4.38
C SER A 160 -6.28 -12.38 3.86
N ASN A 161 -5.35 -11.54 3.40
CA ASN A 161 -4.08 -12.04 2.90
C ASN A 161 -3.16 -12.63 3.96
N CYS A 162 -3.46 -12.37 5.24
CA CYS A 162 -2.66 -12.91 6.33
C CYS A 162 -2.95 -14.41 6.44
N THR A 163 -4.02 -14.85 5.78
CA THR A 163 -4.44 -16.24 5.80
C THR A 163 -4.22 -16.92 4.44
N SER A 164 -3.43 -16.28 3.58
CA SER A 164 -3.15 -16.82 2.26
C SER A 164 -2.32 -18.09 2.35
N LYS A 165 -2.53 -19.01 1.41
CA LYS A 165 -1.77 -20.26 1.37
C LYS A 165 -0.33 -19.92 1.01
N SER A 166 -0.16 -18.78 0.34
CA SER A 166 1.16 -18.31 -0.05
C SER A 166 1.89 -17.80 1.19
N VAL A 167 2.92 -18.51 1.61
CA VAL A 167 3.69 -18.12 2.79
C VAL A 167 4.27 -16.71 2.69
N PRO A 168 5.00 -16.42 1.61
CA PRO A 168 5.58 -15.07 1.48
C PRO A 168 4.51 -14.00 1.69
N VAL A 169 3.33 -14.23 1.13
CA VAL A 169 2.21 -13.31 1.25
C VAL A 169 1.78 -13.13 2.71
N ARG A 170 1.86 -14.20 3.50
CA ARG A 170 1.48 -14.14 4.90
C ARG A 170 2.47 -13.28 5.66
N ARG A 171 3.76 -13.49 5.39
CA ARG A 171 4.82 -12.74 6.04
C ARG A 171 4.67 -11.23 5.81
N ARG A 172 4.48 -10.87 4.55
CA ARG A 172 4.31 -9.48 4.13
C ARG A 172 3.05 -8.86 4.71
N SER A 173 1.99 -9.66 4.76
CA SER A 173 0.70 -9.19 5.25
C SER A 173 0.71 -8.86 6.75
N PHE A 174 1.44 -9.63 7.55
CA PHE A 174 1.53 -9.35 8.97
C PHE A 174 2.41 -8.14 9.17
N GLU A 175 3.35 -7.95 8.25
CA GLU A 175 4.24 -6.81 8.29
C GLU A 175 3.38 -5.56 8.05
N PHE A 176 2.48 -5.67 7.08
CA PHE A 176 1.57 -4.58 6.74
C PHE A 176 0.64 -4.25 7.89
N LEU A 177 0.18 -5.29 8.59
CA LEU A 177 -0.73 -5.10 9.71
C LEU A 177 0.00 -4.44 10.88
N ASP A 178 1.26 -4.82 11.06
CA ASP A 178 2.11 -4.28 12.12
C ASP A 178 2.25 -2.77 11.89
N LEU A 179 2.51 -2.39 10.64
CA LEU A 179 2.66 -0.99 10.28
C LEU A 179 1.35 -0.25 10.50
N LEU A 180 0.26 -0.83 10.02
CA LEU A 180 -1.05 -0.21 10.15
C LEU A 180 -1.37 0.17 11.60
N LEU A 181 -1.19 -0.77 12.51
CA LEU A 181 -1.47 -0.52 13.93
C LEU A 181 -0.56 0.56 14.53
N GLN A 182 0.66 0.67 14.03
CA GLN A 182 1.60 1.69 14.51
C GLN A 182 1.27 3.06 13.96
N GLU A 183 0.47 3.09 12.89
CA GLU A 183 0.13 4.32 12.20
C GLU A 183 -1.27 4.90 12.39
N TRP A 184 -2.27 4.04 12.26
CA TRP A 184 -3.66 4.44 12.36
C TRP A 184 -4.18 4.78 13.74
N GLN A 185 -5.15 5.68 13.76
CA GLN A 185 -5.83 6.11 14.98
C GLN A 185 -6.79 4.99 15.37
N THR A 186 -6.96 4.79 16.67
CA THR A 186 -7.88 3.75 17.16
C THR A 186 -9.26 3.81 16.52
N HIS A 187 -9.81 5.01 16.35
CA HIS A 187 -11.13 5.14 15.77
C HIS A 187 -11.22 4.58 14.35
N SER A 188 -10.11 4.59 13.62
CA SER A 188 -10.11 4.04 12.27
C SER A 188 -10.17 2.51 12.32
N LEU A 189 -9.88 1.94 13.48
CA LEU A 189 -9.84 0.49 13.67
C LEU A 189 -11.06 -0.14 14.33
N GLU A 190 -11.71 0.60 15.21
CA GLU A 190 -12.87 0.12 15.96
C GLU A 190 -13.74 -0.92 15.24
N ARG A 191 -14.13 -0.63 14.00
CA ARG A 191 -15.05 -1.49 13.27
C ARG A 191 -14.46 -2.86 12.92
N HIS A 192 -13.16 -3.03 13.10
CA HIS A 192 -12.53 -4.31 12.76
C HIS A 192 -11.80 -4.98 13.92
N ALA A 193 -12.20 -4.66 15.14
CA ALA A 193 -11.56 -5.24 16.32
C ALA A 193 -11.59 -6.77 16.26
N ALA A 194 -12.77 -7.34 16.06
CA ALA A 194 -12.91 -8.79 16.01
C ALA A 194 -11.96 -9.46 15.02
N VAL A 195 -12.03 -9.06 13.75
CA VAL A 195 -11.17 -9.67 12.75
C VAL A 195 -9.69 -9.46 13.04
N LEU A 196 -9.35 -8.32 13.66
CA LEU A 196 -7.96 -8.05 14.00
C LEU A 196 -7.44 -9.03 15.05
N VAL A 197 -8.21 -9.19 16.13
CA VAL A 197 -7.84 -10.11 17.20
C VAL A 197 -7.66 -11.52 16.63
N GLU A 198 -8.67 -11.98 15.90
CA GLU A 198 -8.67 -13.31 15.31
C GLU A 198 -7.47 -13.53 14.38
N THR A 199 -7.19 -12.57 13.51
CA THR A 199 -6.07 -12.71 12.58
C THR A 199 -4.74 -12.75 13.31
N ILE A 200 -4.61 -11.94 14.35
CA ILE A 200 -3.38 -11.91 15.11
C ILE A 200 -3.20 -13.17 15.94
N LYS A 201 -4.30 -13.70 16.48
CA LYS A 201 -4.22 -14.93 17.26
C LYS A 201 -3.68 -16.06 16.37
N LYS A 202 -4.24 -16.20 15.17
CA LYS A 202 -3.80 -17.24 14.24
C LYS A 202 -2.35 -17.03 13.88
N GLY A 203 -2.00 -15.80 13.55
CA GLY A 203 -0.63 -15.50 13.16
C GLY A 203 0.43 -15.85 14.20
N ILE A 204 0.11 -15.66 15.47
CA ILE A 204 1.05 -15.95 16.55
C ILE A 204 1.46 -17.43 16.56
N HIS A 205 0.66 -18.28 15.91
CA HIS A 205 0.95 -19.71 15.86
C HIS A 205 1.30 -20.19 14.45
N ASP A 206 1.52 -19.25 13.54
CA ASP A 206 1.85 -19.58 12.16
C ASP A 206 2.97 -20.63 12.10
N ALA A 207 2.86 -21.56 11.15
CA ALA A 207 3.86 -22.60 10.98
C ALA A 207 5.20 -22.00 10.56
N ASP A 208 5.13 -20.89 9.85
CA ASP A 208 6.32 -20.19 9.37
C ASP A 208 6.88 -19.28 10.46
N ALA A 209 8.16 -19.43 10.77
CA ALA A 209 8.80 -18.61 11.79
C ALA A 209 8.76 -17.12 11.50
N GLU A 210 9.13 -16.73 10.28
CA GLU A 210 9.13 -15.31 9.91
C GLU A 210 7.75 -14.69 10.06
N ALA A 211 6.72 -15.40 9.60
CA ALA A 211 5.36 -14.90 9.71
C ALA A 211 5.03 -14.72 11.19
N ARG A 212 5.52 -15.64 12.02
CA ARG A 212 5.28 -15.56 13.45
C ARG A 212 5.95 -14.33 14.05
N VAL A 213 7.16 -14.03 13.60
CA VAL A 213 7.87 -12.87 14.11
C VAL A 213 7.03 -11.61 13.86
N GLU A 214 6.44 -11.53 12.67
CA GLU A 214 5.62 -10.39 12.29
C GLU A 214 4.29 -10.35 13.04
N ALA A 215 3.68 -11.51 13.27
CA ALA A 215 2.41 -11.55 13.98
C ALA A 215 2.63 -11.10 15.42
N ARG A 216 3.79 -11.40 15.98
CA ARG A 216 4.11 -10.99 17.34
C ARG A 216 4.27 -9.48 17.45
N LYS A 217 4.87 -8.87 16.44
CA LYS A 217 5.05 -7.42 16.43
C LYS A 217 3.66 -6.79 16.40
N THR A 218 2.79 -7.38 15.57
CA THR A 218 1.42 -6.89 15.42
C THR A 218 0.65 -6.99 16.72
N TYR A 219 0.99 -7.98 17.55
CA TYR A 219 0.32 -8.17 18.84
C TYR A 219 0.54 -6.93 19.73
N MET A 220 1.71 -6.33 19.60
CA MET A 220 2.03 -5.12 20.37
C MET A 220 1.00 -4.05 20.01
N GLY A 221 0.69 -3.97 18.71
CA GLY A 221 -0.28 -3.01 18.24
C GLY A 221 -1.67 -3.30 18.76
N LEU A 222 -2.00 -4.59 18.89
CA LEU A 222 -3.31 -4.99 19.40
C LEU A 222 -3.45 -4.53 20.85
N ARG A 223 -2.37 -4.65 21.62
CA ARG A 223 -2.38 -4.23 23.02
C ARG A 223 -2.58 -2.72 23.09
N ASN A 224 -1.99 -2.02 22.13
CA ASN A 224 -2.10 -0.57 22.09
C ASN A 224 -3.52 -0.06 21.85
N HIS A 225 -4.19 -0.60 20.83
CA HIS A 225 -5.55 -0.18 20.49
C HIS A 225 -6.68 -0.94 21.16
N PHE A 226 -6.47 -2.22 21.46
CA PHE A 226 -7.50 -3.04 22.10
C PHE A 226 -6.86 -3.85 23.24
N PRO A 227 -6.39 -3.16 24.28
CA PRO A 227 -5.74 -3.79 25.44
C PRO A 227 -6.54 -4.91 26.12
N GLY A 228 -7.85 -4.71 26.27
CA GLY A 228 -8.66 -5.74 26.90
C GLY A 228 -8.69 -7.00 26.07
N GLU A 229 -8.96 -6.84 24.77
CA GLU A 229 -9.01 -7.98 23.87
C GLU A 229 -7.65 -8.66 23.77
N ALA A 230 -6.58 -7.87 23.78
CA ALA A 230 -5.23 -8.43 23.70
C ALA A 230 -4.96 -9.31 24.93
N GLU A 231 -5.37 -8.82 26.10
CA GLU A 231 -5.16 -9.56 27.34
C GLU A 231 -5.95 -10.87 27.32
N THR A 232 -7.19 -10.79 26.87
CA THR A 232 -8.03 -11.98 26.76
C THR A 232 -7.39 -13.01 25.84
N LEU A 233 -6.81 -12.54 24.73
CA LEU A 233 -6.16 -13.40 23.75
C LEU A 233 -4.97 -14.10 24.40
N TYR A 234 -4.14 -13.31 25.08
CA TYR A 234 -2.95 -13.81 25.75
C TYR A 234 -3.27 -14.89 26.81
N ASN A 235 -4.28 -14.62 27.63
CA ASN A 235 -4.65 -15.55 28.70
C ASN A 235 -5.16 -16.89 28.22
N SER A 236 -5.50 -16.99 26.94
CA SER A 236 -6.02 -18.23 26.38
C SER A 236 -4.96 -19.08 25.68
N LEU A 237 -3.75 -18.55 25.54
CA LEU A 237 -2.70 -19.28 24.85
C LEU A 237 -1.91 -20.27 25.71
N GLU A 238 -1.23 -21.19 25.02
CA GLU A 238 -0.38 -22.17 25.69
C GLU A 238 0.83 -21.42 26.24
N PRO A 239 1.46 -21.95 27.29
CA PRO A 239 2.64 -21.32 27.90
C PRO A 239 3.73 -20.90 26.91
N SER A 240 4.17 -21.83 26.07
CA SER A 240 5.23 -21.52 25.11
C SER A 240 4.91 -20.32 24.22
N TYR A 241 3.65 -20.18 23.81
CA TYR A 241 3.26 -19.07 22.96
C TYR A 241 3.10 -17.79 23.78
N GLN A 242 2.71 -17.91 25.04
CA GLN A 242 2.57 -16.74 25.89
C GLN A 242 3.97 -16.16 26.05
N LYS A 243 4.95 -17.05 26.23
CA LYS A 243 6.33 -16.62 26.42
C LYS A 243 6.90 -15.95 25.17
N SER A 244 6.50 -16.41 23.99
CA SER A 244 7.00 -15.81 22.76
C SER A 244 6.51 -14.37 22.65
N LEU A 245 5.50 -14.00 23.43
CA LEU A 245 4.97 -12.65 23.40
C LEU A 245 5.47 -11.80 24.55
N GLN A 246 6.58 -12.20 25.16
CA GLN A 246 7.15 -11.44 26.27
C GLN A 246 7.66 -10.08 25.78
N THR A 247 7.45 -9.06 26.59
CA THR A 247 7.90 -7.70 26.24
C THR A 247 9.42 -7.67 26.20
N TYR A 248 9.98 -6.87 25.29
CA TYR A 248 11.42 -6.76 25.16
C TYR A 248 12.05 -6.24 26.46
N LEU A 249 12.99 -7.01 27.00
CA LEU A 249 13.66 -6.63 28.25
C LEU A 249 15.14 -7.00 28.21
#